data_3FTG
#
_entry.id   3FTG
#
_cell.length_a   93.640
_cell.length_b   94.980
_cell.length_c   132.240
_cell.angle_alpha   90.000
_cell.angle_beta   90.000
_cell.angle_gamma   90.000
#
_symmetry.space_group_name_H-M   'I 2 2 2'
#
loop_
_entity.id
_entity.type
_entity.pdbx_description
1 polymer 'H-2 class I histocompatibility antigen, D-B alpha chain'
2 polymer Beta-2-microglobulin
3 polymer 'NP366-N3A variant peptide from influenza virus'
4 water water
#
loop_
_entity_poly.entity_id
_entity_poly.type
_entity_poly.pdbx_seq_one_letter_code
_entity_poly.pdbx_strand_id
1 'polypeptide(L)'
;MGPHSMRYFETAVSRPGLEEPRYISVGYVDNKEFVRFDSDAENPRYEPRAPWMEQEGPEYWERETQKAKGQEQWFRVSLR
NLLGYYNQSAGGSHTLQQMSGCDLGSDWRLLRGYLQFAYEGRDYIALNEDLKTWTAADMAAQITRRKWEQSGAAEHYKAY
LEGECVEWLHRYLKNGNATLLRTDSPKAHVTHHPRSKGEVTLRCWALGFYPADITLTWQLNGEELTQDMELVETRPAGDG
TFQKWASVVVPLGKEQNYTCRVYHEGLPEPLTLRWEPPPST
;
A
2 'polypeptide(L)'
;MIQKTPQIQVYSRHPPENGKPNILNCYVTQFHPPHIEIQMLKNGKKIPKVEMSDMSFSKDWSFYILAHTEFTPTETDTYA
CRVKHDSMAEPKTVYWDRDM
;
B
3 'polypeptide(L)' ASAENMETM C
#
# COMPACT_ATOMS: atom_id res chain seq x y z
N GLY A 2 -6.33 18.93 9.28
CA GLY A 2 -4.99 18.39 9.64
C GLY A 2 -3.97 18.28 8.50
N PRO A 3 -2.95 17.41 8.65
CA PRO A 3 -1.86 17.28 7.68
C PRO A 3 -2.22 16.38 6.46
N HIS A 4 -1.42 16.48 5.39
CA HIS A 4 -1.76 15.89 4.07
C HIS A 4 -0.55 15.32 3.34
N SER A 5 -0.76 14.24 2.57
CA SER A 5 0.33 13.61 1.77
C SER A 5 -0.04 13.00 0.41
N MET A 6 0.97 12.84 -0.44
CA MET A 6 0.86 12.07 -1.69
C MET A 6 2.06 11.13 -1.82
N ARG A 7 1.81 9.91 -2.32
CA ARG A 7 2.86 8.91 -2.57
C ARG A 7 2.59 8.06 -3.81
N TYR A 8 3.66 7.79 -4.55
CA TYR A 8 3.59 6.78 -5.59
C TYR A 8 4.44 5.57 -5.13
N PHE A 9 3.88 4.36 -5.20
CA PHE A 9 4.59 3.13 -4.88
C PHE A 9 4.83 2.37 -6.18
N GLU A 10 6.09 2.15 -6.59
CA GLU A 10 6.37 1.45 -7.85
C GLU A 10 7.20 0.20 -7.68
N THR A 11 6.72 -0.91 -8.26
CA THR A 11 7.39 -2.20 -8.13
C THR A 11 7.72 -2.70 -9.53
N ALA A 12 8.97 -3.11 -9.77
CA ALA A 12 9.31 -3.89 -10.99
C ALA A 12 9.87 -5.25 -10.61
N VAL A 13 9.34 -6.32 -11.21
CA VAL A 13 9.78 -7.68 -10.88
C VAL A 13 10.28 -8.40 -12.13
N SER A 14 11.56 -8.78 -12.11
CA SER A 14 12.14 -9.46 -13.26
C SER A 14 11.72 -10.91 -13.21
N ARG A 15 11.71 -11.55 -14.37
CA ARG A 15 11.19 -12.91 -14.50
C ARG A 15 12.00 -13.77 -15.49
N PRO A 16 12.26 -15.05 -15.12
CA PRO A 16 12.95 -16.02 -16.03
C PRO A 16 12.19 -16.28 -17.35
N GLY A 17 12.79 -15.87 -18.46
CA GLY A 17 12.17 -16.01 -19.78
C GLY A 17 11.76 -14.68 -20.42
N LEU A 18 10.90 -13.94 -19.72
CA LEU A 18 10.39 -12.69 -20.25
C LEU A 18 11.47 -11.61 -20.19
N GLU A 19 11.67 -10.92 -21.30
CA GLU A 19 12.75 -9.92 -21.43
C GLU A 19 12.32 -8.55 -20.93
N GLU A 20 11.02 -8.43 -20.65
CA GLU A 20 10.41 -7.25 -20.01
C GLU A 20 9.88 -7.67 -18.64
N PRO A 21 10.22 -6.91 -17.60
CA PRO A 21 9.68 -7.14 -16.27
C PRO A 21 8.24 -6.66 -16.16
N ARG A 22 7.51 -7.23 -15.20
CA ARG A 22 6.22 -6.70 -14.76
C ARG A 22 6.44 -5.39 -13.98
N TYR A 23 5.62 -4.37 -14.25
CA TYR A 23 5.72 -3.04 -13.62
C TYR A 23 4.36 -2.49 -13.11
N ILE A 24 4.29 -2.18 -11.81
CA ILE A 24 3.09 -1.58 -11.20
C ILE A 24 3.46 -0.29 -10.50
N SER A 25 2.70 0.76 -10.75
CA SER A 25 2.78 2.01 -10.01
C SER A 25 1.41 2.26 -9.42
N VAL A 26 1.39 2.75 -8.18
CA VAL A 26 0.16 2.95 -7.44
C VAL A 26 0.20 4.26 -6.66
N GLY A 27 -0.68 5.20 -7.04
CA GLY A 27 -0.73 6.55 -6.44
C GLY A 27 -1.64 6.63 -5.23
N TYR A 28 -1.21 7.41 -4.23
CA TYR A 28 -1.94 7.57 -2.97
C TYR A 28 -1.99 9.03 -2.57
N VAL A 29 -3.16 9.47 -2.11
CA VAL A 29 -3.38 10.83 -1.65
C VAL A 29 -3.88 10.70 -0.22
N ASP A 30 -3.47 11.60 0.69
CA ASP A 30 -3.74 11.48 2.14
C ASP A 30 -3.92 10.01 2.54
N ASN A 31 -3.00 9.15 2.09
CA ASN A 31 -3.03 7.72 2.40
C ASN A 31 -4.16 6.94 1.71
N LYS A 32 -4.76 7.53 0.68
CA LYS A 32 -5.91 6.92 0.00
C LYS A 32 -5.71 6.93 -1.52
N GLU A 33 -5.89 5.75 -2.11
CA GLU A 33 -5.58 5.49 -3.51
C GLU A 33 -6.31 6.38 -4.48
N PHE A 34 -5.60 7.01 -5.42
CA PHE A 34 -6.27 7.75 -6.51
C PHE A 34 -5.99 7.27 -7.95
N VAL A 35 -4.76 6.90 -8.27
CA VAL A 35 -4.40 6.44 -9.62
C VAL A 35 -3.61 5.14 -9.55
N ARG A 36 -3.63 4.36 -10.64
CA ARG A 36 -2.78 3.15 -10.81
C ARG A 36 -2.49 2.74 -12.26
N PHE A 37 -1.26 2.30 -12.50
CA PHE A 37 -0.79 1.73 -13.76
C PHE A 37 -0.37 0.28 -13.52
N ASP A 38 -0.52 -0.58 -14.53
CA ASP A 38 -0.13 -1.99 -14.43
C ASP A 38 0.26 -2.52 -15.82
N SER A 39 1.45 -3.10 -15.90
CA SER A 39 2.07 -3.52 -17.17
C SER A 39 1.43 -4.72 -17.86
N ASP A 40 0.85 -5.62 -17.09
CA ASP A 40 0.33 -6.87 -17.63
C ASP A 40 -0.95 -6.61 -18.40
N ALA A 41 -1.91 -6.02 -17.69
CA ALA A 41 -3.21 -5.58 -18.20
C ALA A 41 -3.37 -5.40 -19.72
N GLU A 42 -4.43 -6.06 -20.22
CA GLU A 42 -5.04 -5.84 -21.55
C GLU A 42 -4.23 -4.96 -22.50
N ASN A 43 -4.54 -3.66 -22.49
CA ASN A 43 -3.62 -2.63 -22.96
C ASN A 43 -3.55 -1.48 -21.93
N PRO A 44 -2.32 -1.17 -21.45
CA PRO A 44 -2.10 -0.60 -20.12
C PRO A 44 -1.94 0.92 -20.04
N ARG A 45 -2.68 1.52 -19.10
CA ARG A 45 -2.56 2.95 -18.80
C ARG A 45 -2.94 3.32 -17.36
N TYR A 46 -2.78 4.58 -17.03
CA TYR A 46 -3.04 5.06 -15.67
C TYR A 46 -4.54 5.19 -15.34
N GLU A 47 -5.25 4.07 -15.27
CA GLU A 47 -6.67 4.05 -14.85
C GLU A 47 -6.90 4.84 -13.52
N PRO A 48 -8.03 5.57 -13.41
CA PRO A 48 -8.32 6.23 -12.13
C PRO A 48 -9.00 5.26 -11.15
N ARG A 49 -8.67 5.36 -9.87
CA ARG A 49 -9.22 4.42 -8.87
C ARG A 49 -10.00 5.15 -7.78
N ALA A 50 -10.44 6.37 -8.10
CA ALA A 50 -11.29 7.21 -7.23
C ALA A 50 -12.12 8.16 -8.10
N PRO A 51 -13.38 8.39 -7.71
CA PRO A 51 -14.31 9.13 -8.58
C PRO A 51 -13.95 10.61 -8.79
N TRP A 52 -13.33 11.24 -7.79
CA TRP A 52 -12.99 12.65 -7.88
C TRP A 52 -11.87 12.96 -8.89
N MET A 53 -11.12 11.91 -9.26
CA MET A 53 -10.07 12.04 -10.27
C MET A 53 -10.60 11.99 -11.73
N GLU A 54 -11.90 11.74 -11.88
CA GLU A 54 -12.54 11.63 -13.20
C GLU A 54 -12.65 12.97 -13.95
N GLN A 55 -12.72 14.07 -13.18
CA GLN A 55 -12.80 15.43 -13.73
C GLN A 55 -11.49 15.91 -14.40
N GLU A 56 -10.39 15.20 -14.17
CA GLU A 56 -9.16 15.41 -14.94
C GLU A 56 -9.42 14.87 -16.34
N GLY A 57 -8.96 15.62 -17.35
CA GLY A 57 -9.32 15.31 -18.72
C GLY A 57 -8.31 14.52 -19.51
N PRO A 58 -8.76 13.46 -20.23
CA PRO A 58 -7.91 12.82 -21.25
C PRO A 58 -7.05 13.87 -21.93
N GLU A 59 -5.77 13.85 -21.59
CA GLU A 59 -4.81 14.96 -21.76
C GLU A 59 -3.84 14.87 -20.59
N TYR A 60 -4.41 14.77 -19.39
CA TYR A 60 -3.67 14.53 -18.15
C TYR A 60 -3.21 13.08 -18.14
N TRP A 61 -4.06 12.18 -18.65
CA TRP A 61 -3.74 10.75 -18.68
C TRP A 61 -2.65 10.38 -19.70
N GLU A 62 -2.66 10.98 -20.89
CA GLU A 62 -1.55 10.82 -21.83
C GLU A 62 -0.21 11.22 -21.22
N ARG A 63 -0.17 12.36 -20.55
CA ARG A 63 1.01 12.80 -19.82
C ARG A 63 1.50 11.65 -18.89
N GLU A 64 0.64 11.23 -17.95
CA GLU A 64 1.04 10.30 -16.89
C GLU A 64 1.32 8.90 -17.41
N THR A 65 0.42 8.39 -18.25
CA THR A 65 0.62 7.13 -18.98
C THR A 65 1.95 7.14 -19.73
N GLN A 66 2.29 8.25 -20.40
CA GLN A 66 3.58 8.29 -21.07
C GLN A 66 4.74 8.24 -20.07
N LYS A 67 4.59 8.96 -18.96
CA LYS A 67 5.57 8.90 -17.88
C LYS A 67 5.83 7.46 -17.42
N ALA A 68 4.76 6.68 -17.30
CA ALA A 68 4.89 5.30 -16.83
C ALA A 68 5.64 4.47 -17.85
N LYS A 69 5.62 4.89 -19.10
CA LYS A 69 6.38 4.20 -20.15
C LYS A 69 7.87 4.36 -19.93
N GLY A 70 8.27 5.58 -19.53
CA GLY A 70 9.64 5.91 -19.20
C GLY A 70 10.12 5.05 -18.07
N GLN A 71 9.34 4.97 -17.01
CA GLN A 71 9.76 4.24 -15.81
C GLN A 71 10.06 2.76 -16.09
N GLU A 72 9.23 2.09 -16.90
CA GLU A 72 9.53 0.71 -17.32
C GLU A 72 10.92 0.62 -17.91
N GLN A 73 11.19 1.44 -18.92
CA GLN A 73 12.53 1.55 -19.47
C GLN A 73 13.58 1.67 -18.36
N TRP A 74 13.37 2.63 -17.47
CA TRP A 74 14.33 2.92 -16.40
C TRP A 74 14.52 1.71 -15.49
N PHE A 75 13.42 1.09 -15.08
CA PHE A 75 13.45 -0.08 -14.19
C PHE A 75 14.07 -1.34 -14.82
N ARG A 76 13.90 -1.50 -16.14
CA ARG A 76 14.52 -2.64 -16.84
C ARG A 76 16.06 -2.50 -16.82
N VAL A 77 16.55 -1.38 -17.34
CA VAL A 77 17.99 -1.15 -17.39
C VAL A 77 18.52 -1.35 -16.00
N SER A 78 17.92 -0.66 -15.00
CA SER A 78 18.39 -0.72 -13.62
C SER A 78 18.40 -2.13 -13.06
N LEU A 79 17.33 -2.87 -13.28
CA LEU A 79 17.31 -4.29 -12.93
C LEU A 79 18.58 -5.03 -13.42
N ARG A 80 19.05 -4.72 -14.63
N ARG A 80 19.00 -4.75 -14.66
CA ARG A 80 20.23 -5.37 -15.18
CA ARG A 80 20.23 -5.32 -15.21
C ARG A 80 21.58 -4.81 -14.69
C ARG A 80 21.43 -4.82 -14.42
N ASN A 81 21.64 -3.51 -14.42
CA ASN A 81 22.80 -2.92 -13.74
C ASN A 81 23.05 -3.59 -12.39
N LEU A 82 21.98 -3.77 -11.59
CA LEU A 82 22.10 -4.43 -10.28
C LEU A 82 22.59 -5.87 -10.29
N LEU A 83 22.22 -6.63 -11.32
CA LEU A 83 22.57 -8.03 -11.40
C LEU A 83 24.09 -8.16 -11.37
N GLY A 84 24.75 -7.26 -12.09
CA GLY A 84 26.22 -7.26 -12.17
C GLY A 84 26.81 -6.77 -10.86
N TYR A 85 26.31 -5.61 -10.38
CA TYR A 85 26.73 -5.08 -9.08
C TYR A 85 26.82 -6.19 -7.98
N TYR A 86 25.93 -7.19 -7.99
CA TYR A 86 25.88 -8.21 -6.93
C TYR A 86 26.29 -9.62 -7.37
N ASN A 87 26.76 -9.80 -8.61
CA ASN A 87 27.10 -11.16 -9.11
C ASN A 87 25.95 -12.11 -9.02
N GLN A 88 24.77 -11.62 -9.34
CA GLN A 88 23.67 -12.55 -9.49
C GLN A 88 23.78 -13.05 -10.92
N SER A 89 23.76 -14.36 -11.04
CA SER A 89 23.91 -14.98 -12.34
C SER A 89 22.52 -14.98 -12.95
N ALA A 90 22.34 -15.69 -14.06
CA ALA A 90 21.10 -15.55 -14.82
C ALA A 90 19.99 -16.44 -14.30
N GLY A 91 18.76 -16.19 -14.76
CA GLY A 91 17.59 -17.00 -14.40
C GLY A 91 17.40 -17.05 -12.89
N GLY A 92 16.60 -16.09 -12.39
CA GLY A 92 16.32 -15.92 -10.95
C GLY A 92 15.40 -14.71 -10.85
N SER A 93 14.60 -14.62 -9.79
CA SER A 93 13.65 -13.51 -9.76
C SER A 93 13.96 -12.36 -8.75
N HIS A 94 14.09 -11.16 -9.28
CA HIS A 94 14.55 -10.04 -8.48
C HIS A 94 13.51 -8.94 -8.50
N THR A 95 13.59 -8.00 -7.54
N THR A 95 13.58 -8.04 -7.52
CA THR A 95 12.56 -6.99 -7.36
CA THR A 95 12.61 -6.97 -7.37
C THR A 95 13.14 -5.63 -6.97
C THR A 95 13.31 -5.66 -7.14
N LEU A 96 12.73 -4.59 -7.68
CA LEU A 96 13.17 -3.27 -7.40
C LEU A 96 11.94 -2.46 -7.02
N GLN A 97 12.01 -1.63 -5.96
CA GLN A 97 10.88 -0.86 -5.47
C GLN A 97 11.24 0.60 -5.20
N GLN A 98 10.29 1.49 -5.46
CA GLN A 98 10.52 2.92 -5.36
C GLN A 98 9.43 3.59 -4.55
N MET A 99 9.78 4.62 -3.79
CA MET A 99 8.77 5.41 -3.07
C MET A 99 9.13 6.88 -3.14
N SER A 100 8.19 7.69 -3.58
CA SER A 100 8.41 9.10 -3.68
C SER A 100 7.14 9.81 -3.29
N GLY A 101 7.22 11.11 -3.03
CA GLY A 101 6.06 11.90 -2.62
C GLY A 101 6.38 12.94 -1.56
N CYS A 102 5.35 13.59 -1.07
CA CYS A 102 5.58 14.74 -0.21
C CYS A 102 4.54 14.85 0.89
N ASP A 103 4.98 15.40 2.02
CA ASP A 103 4.13 15.69 3.16
C ASP A 103 3.80 17.17 3.21
N LEU A 104 2.54 17.47 3.49
CA LEU A 104 2.14 18.84 3.82
C LEU A 104 1.58 18.90 5.22
N GLY A 105 1.91 19.98 5.93
CA GLY A 105 1.35 20.31 7.25
C GLY A 105 0.02 21.05 7.12
N SER A 106 -0.71 21.19 8.22
CA SER A 106 -2.09 21.75 8.18
C SER A 106 -2.18 23.13 7.51
N ASP A 107 -1.07 23.85 7.46
CA ASP A 107 -1.01 25.12 6.73
C ASP A 107 -0.77 24.96 5.21
N TRP A 108 -0.71 23.71 4.74
CA TRP A 108 -0.54 23.38 3.30
C TRP A 108 0.87 23.57 2.70
N ARG A 109 1.84 23.90 3.54
N ARG A 109 1.85 23.86 3.55
CA ARG A 109 3.24 24.06 3.09
CA ARG A 109 3.22 24.04 3.07
C ARG A 109 4.01 22.74 3.17
C ARG A 109 4.05 22.76 3.23
N LEU A 110 5.13 22.68 2.45
CA LEU A 110 5.93 21.47 2.35
C LEU A 110 6.62 21.12 3.65
N LEU A 111 6.20 20.01 4.26
CA LEU A 111 6.90 19.45 5.39
C LEU A 111 8.19 18.69 4.99
N ARG A 112 8.08 17.77 4.03
CA ARG A 112 9.25 17.00 3.58
C ARG A 112 8.97 16.13 2.36
N GLY A 113 9.99 15.92 1.55
CA GLY A 113 9.89 15.01 0.40
C GLY A 113 10.50 13.64 0.65
N TYR A 114 10.07 12.65 -0.13
CA TYR A 114 10.63 11.31 -0.02
C TYR A 114 10.98 10.79 -1.39
N LEU A 115 12.14 10.18 -1.48
CA LEU A 115 12.49 9.46 -2.68
C LEU A 115 13.48 8.39 -2.28
N GLN A 116 13.02 7.12 -2.34
CA GLN A 116 13.81 5.98 -1.87
C GLN A 116 13.60 4.66 -2.63
N PHE A 117 14.52 3.71 -2.45
CA PHE A 117 14.66 2.51 -3.25
C PHE A 117 15.09 1.28 -2.45
N ALA A 118 14.49 0.15 -2.82
CA ALA A 118 14.86 -1.13 -2.25
C ALA A 118 15.10 -2.16 -3.36
N TYR A 119 16.09 -3.00 -3.16
CA TYR A 119 16.32 -4.11 -4.06
C TYR A 119 16.11 -5.41 -3.25
N GLU A 120 15.40 -6.37 -3.85
CA GLU A 120 15.07 -7.64 -3.15
C GLU A 120 14.40 -7.32 -1.79
N GLY A 121 13.71 -6.20 -1.70
CA GLY A 121 13.05 -5.88 -0.44
C GLY A 121 13.94 -5.35 0.66
N ARG A 122 15.19 -5.05 0.31
N ARG A 122 15.19 -5.05 0.31
N ARG A 122 15.17 -4.99 0.31
CA ARG A 122 16.20 -4.50 1.21
CA ARG A 122 16.17 -4.49 1.23
CA ARG A 122 16.13 -4.49 1.29
C ARG A 122 16.52 -3.06 0.81
C ARG A 122 16.48 -3.05 0.81
C ARG A 122 16.62 -3.11 0.84
N ASP A 123 16.66 -2.17 1.79
CA ASP A 123 17.07 -0.77 1.53
C ASP A 123 18.27 -0.75 0.59
N TYR A 124 18.20 0.08 -0.43
CA TYR A 124 19.33 0.24 -1.30
C TYR A 124 19.90 1.67 -1.28
N ILE A 125 19.12 2.65 -1.74
CA ILE A 125 19.55 4.03 -1.71
C ILE A 125 18.36 4.94 -1.46
N ALA A 126 18.64 6.07 -0.84
CA ALA A 126 17.59 6.96 -0.33
C ALA A 126 18.03 8.42 -0.34
N LEU A 127 17.10 9.32 -0.71
CA LEU A 127 17.36 10.75 -0.65
C LEU A 127 17.20 11.19 0.79
N ASN A 128 18.26 11.82 1.30
CA ASN A 128 18.23 12.44 2.61
C ASN A 128 17.23 13.57 2.70
N GLU A 129 16.78 13.89 3.91
CA GLU A 129 15.76 14.93 4.14
C GLU A 129 16.14 16.34 3.65
N ASP A 130 17.44 16.59 3.47
CA ASP A 130 17.95 17.79 2.82
C ASP A 130 17.78 17.79 1.27
N LEU A 131 17.07 16.82 0.72
CA LEU A 131 16.77 16.75 -0.72
C LEU A 131 18.00 16.98 -1.61
N LYS A 132 19.18 16.70 -1.06
CA LYS A 132 20.44 17.17 -1.62
C LYS A 132 21.57 16.16 -1.49
N THR A 133 21.35 15.11 -0.69
CA THR A 133 22.39 14.10 -0.46
C THR A 133 21.80 12.69 -0.25
N TRP A 134 22.66 11.68 -0.34
CA TRP A 134 22.16 10.31 -0.26
C TRP A 134 22.77 9.47 0.85
N THR A 135 21.91 8.66 1.45
CA THR A 135 22.28 7.51 2.26
C THR A 135 22.29 6.20 1.42
N ALA A 136 23.47 5.63 1.18
CA ALA A 136 23.52 4.32 0.51
C ALA A 136 23.76 3.15 1.47
N ALA A 137 22.85 2.19 1.44
CA ALA A 137 22.89 1.04 2.35
C ALA A 137 24.12 0.10 2.24
N ASP A 138 24.65 -0.08 1.05
CA ASP A 138 25.71 -1.09 0.90
C ASP A 138 26.72 -0.73 -0.20
N MET A 139 27.73 -1.57 -0.37
CA MET A 139 28.80 -1.24 -1.32
C MET A 139 28.35 -1.12 -2.77
N ALA A 140 27.38 -1.94 -3.17
CA ALA A 140 26.83 -1.78 -4.50
C ALA A 140 26.27 -0.39 -4.64
N ALA A 141 25.41 0.00 -3.70
CA ALA A 141 24.74 1.31 -3.78
C ALA A 141 25.69 2.52 -3.87
N GLN A 142 26.93 2.36 -3.40
CA GLN A 142 27.96 3.37 -3.59
C GLN A 142 28.19 3.76 -5.06
N ILE A 143 28.26 2.74 -5.93
CA ILE A 143 28.35 2.98 -7.38
C ILE A 143 27.20 3.91 -7.76
N THR A 144 25.96 3.53 -7.43
CA THR A 144 24.78 4.29 -7.83
C THR A 144 24.94 5.70 -7.29
N ARG A 145 25.23 5.81 -5.99
N ARG A 145 25.21 5.80 -5.99
CA ARG A 145 25.45 7.10 -5.34
CA ARG A 145 25.50 7.06 -5.29
C ARG A 145 26.39 7.99 -6.15
C ARG A 145 26.38 7.97 -6.14
N ARG A 146 27.63 7.54 -6.38
CA ARG A 146 28.61 8.30 -7.19
C ARG A 146 28.11 8.65 -8.60
N LYS A 147 27.41 7.72 -9.25
CA LYS A 147 26.80 8.09 -10.54
C LYS A 147 25.83 9.25 -10.35
N TRP A 148 25.16 9.28 -9.21
CA TRP A 148 24.03 10.18 -9.06
C TRP A 148 24.50 11.53 -8.48
N GLU A 149 25.66 11.48 -7.83
CA GLU A 149 26.36 12.67 -7.40
C GLU A 149 26.99 13.34 -8.62
N GLN A 150 27.96 12.66 -9.21
CA GLN A 150 28.61 13.16 -10.41
C GLN A 150 27.63 13.12 -11.58
N SER A 151 26.40 13.59 -11.35
CA SER A 151 25.39 13.79 -12.40
C SER A 151 24.19 14.66 -12.00
N GLY A 152 24.17 15.16 -10.75
CA GLY A 152 23.06 16.01 -10.25
C GLY A 152 21.60 15.52 -10.25
N ALA A 153 21.35 14.24 -9.98
CA ALA A 153 19.96 13.74 -9.93
C ALA A 153 19.17 14.40 -8.81
N ALA A 154 19.82 14.52 -7.65
CA ALA A 154 19.18 15.07 -6.46
C ALA A 154 18.37 16.35 -6.75
N GLU A 155 18.97 17.32 -7.45
CA GLU A 155 18.23 18.56 -7.75
C GLU A 155 17.00 18.31 -8.59
N HIS A 156 17.11 17.46 -9.63
CA HIS A 156 15.94 17.07 -10.43
C HIS A 156 14.78 16.62 -9.54
N TYR A 157 15.07 15.66 -8.64
CA TYR A 157 14.09 15.17 -7.68
C TYR A 157 13.60 16.26 -6.72
N LYS A 158 14.53 17.06 -6.20
CA LYS A 158 14.20 18.25 -5.40
C LYS A 158 13.17 19.14 -6.12
N ALA A 159 13.48 19.49 -7.38
CA ALA A 159 12.56 20.23 -8.24
C ALA A 159 11.19 19.56 -8.38
N TYR A 160 11.15 18.24 -8.54
CA TYR A 160 9.85 17.56 -8.50
C TYR A 160 9.20 17.58 -7.12
N LEU A 161 9.99 17.32 -6.09
CA LEU A 161 9.48 17.25 -4.73
C LEU A 161 8.91 18.57 -4.22
N GLU A 162 9.73 19.62 -4.18
CA GLU A 162 9.29 20.92 -3.64
C GLU A 162 8.23 21.59 -4.51
N GLY A 163 8.38 21.52 -5.82
CA GLY A 163 7.48 22.21 -6.72
C GLY A 163 6.25 21.42 -7.15
N GLU A 164 6.40 20.65 -8.23
N GLU A 164 6.40 20.61 -8.18
CA GLU A 164 5.30 19.85 -8.82
CA GLU A 164 5.30 19.88 -8.83
C GLU A 164 4.46 19.11 -7.80
C GLU A 164 4.47 19.01 -7.89
N CYS A 165 5.13 18.34 -6.95
CA CYS A 165 4.47 17.46 -5.95
C CYS A 165 3.51 18.23 -5.07
N VAL A 166 3.96 19.41 -4.66
CA VAL A 166 3.17 20.31 -3.84
C VAL A 166 2.01 20.89 -4.67
N GLU A 167 2.34 21.44 -5.84
CA GLU A 167 1.36 22.04 -6.76
C GLU A 167 0.18 21.10 -7.06
N TRP A 168 0.45 19.86 -7.44
CA TRP A 168 -0.62 18.94 -7.77
C TRP A 168 -1.39 18.46 -6.56
N LEU A 169 -0.72 18.21 -5.45
CA LEU A 169 -1.46 17.81 -4.25
C LEU A 169 -2.34 18.96 -3.74
N HIS A 170 -1.80 20.17 -3.69
CA HIS A 170 -2.61 21.36 -3.39
C HIS A 170 -3.92 21.38 -4.20
N ARG A 171 -3.91 20.68 -5.34
CA ARG A 171 -4.98 20.69 -6.34
C ARG A 171 -5.93 19.52 -6.14
N TYR A 172 -5.38 18.32 -6.06
CA TYR A 172 -6.17 17.14 -5.77
C TYR A 172 -7.02 17.33 -4.52
N LEU A 173 -6.46 18.07 -3.56
CA LEU A 173 -7.17 18.39 -2.32
C LEU A 173 -8.42 19.21 -2.61
N LYS A 174 -8.26 20.25 -3.43
CA LYS A 174 -9.36 21.12 -3.83
C LYS A 174 -10.39 20.42 -4.72
N ASN A 175 -10.06 19.24 -5.22
CA ASN A 175 -10.91 18.57 -6.21
C ASN A 175 -11.80 17.45 -5.65
N GLY A 176 -11.51 17.03 -4.42
CA GLY A 176 -12.17 15.85 -3.89
C GLY A 176 -12.19 15.70 -2.40
N ASN A 177 -12.80 16.66 -1.71
N ASN A 177 -12.81 16.66 -1.73
CA ASN A 177 -13.00 16.53 -0.27
CA ASN A 177 -13.09 16.58 -0.30
C ASN A 177 -14.03 15.44 0.04
C ASN A 177 -14.32 15.72 -0.04
N ALA A 178 -14.63 14.87 -1.02
CA ALA A 178 -15.69 13.86 -0.92
C ALA A 178 -15.35 12.78 0.09
N THR A 179 -14.21 12.11 -0.14
CA THR A 179 -13.72 11.09 0.77
C THR A 179 -12.30 11.46 1.23
N LEU A 180 -12.09 12.75 1.50
CA LEU A 180 -10.78 13.19 1.97
C LEU A 180 -10.87 13.97 3.27
N LEU A 181 -10.99 15.28 3.15
CA LEU A 181 -10.91 16.20 4.28
C LEU A 181 -12.03 16.01 5.31
N ARG A 182 -13.15 15.44 4.87
CA ARG A 182 -14.29 15.16 5.74
C ARG A 182 -14.13 13.78 6.38
N THR A 183 -13.30 13.73 7.43
CA THR A 183 -12.98 12.51 8.16
C THR A 183 -14.10 12.05 9.11
N ASP A 184 -14.32 10.73 9.17
CA ASP A 184 -15.32 10.12 10.07
C ASP A 184 -14.68 9.21 11.13
N SER A 185 -15.44 8.87 12.17
CA SER A 185 -14.85 8.38 13.41
C SER A 185 -15.54 7.14 14.00
N PRO A 186 -14.81 6.40 14.87
CA PRO A 186 -15.14 5.05 15.30
C PRO A 186 -16.43 4.87 16.08
N LYS A 187 -17.12 3.77 15.81
CA LYS A 187 -18.24 3.32 16.61
C LYS A 187 -17.77 2.09 17.38
N ALA A 188 -17.58 2.24 18.68
CA ALA A 188 -17.04 1.15 19.48
C ALA A 188 -18.13 0.33 20.16
N HIS A 189 -17.75 -0.87 20.62
CA HIS A 189 -18.58 -1.73 21.44
C HIS A 189 -17.84 -3.01 21.82
N VAL A 190 -18.41 -3.73 22.80
CA VAL A 190 -17.80 -4.93 23.38
C VAL A 190 -18.73 -6.12 23.11
N THR A 191 -18.15 -7.29 22.88
CA THR A 191 -18.95 -8.47 22.52
C THR A 191 -19.14 -9.46 23.68
N ARG A 203 -12.93 -7.74 24.85
CA ARG A 203 -12.67 -7.33 23.47
C ARG A 203 -13.54 -6.14 23.00
N CYS A 204 -12.91 -4.99 22.78
CA CYS A 204 -13.65 -3.88 22.16
C CYS A 204 -13.19 -3.56 20.75
N TRP A 205 -14.18 -3.26 19.92
CA TRP A 205 -13.99 -3.07 18.52
C TRP A 205 -14.18 -1.61 18.19
N ALA A 206 -13.28 -1.05 17.41
CA ALA A 206 -13.53 0.23 16.80
C ALA A 206 -13.87 -0.06 15.35
N LEU A 207 -14.98 0.49 14.85
CA LEU A 207 -15.38 0.33 13.44
C LEU A 207 -15.78 1.63 12.78
N GLY A 208 -15.53 1.74 11.48
CA GLY A 208 -16.01 2.83 10.63
C GLY A 208 -15.12 4.06 10.48
N PHE A 209 -13.91 4.03 11.04
CA PHE A 209 -13.07 5.23 11.11
C PHE A 209 -12.21 5.52 9.89
N TYR A 210 -11.85 6.79 9.75
CA TYR A 210 -10.83 7.26 8.79
C TYR A 210 -10.25 8.58 9.31
N PRO A 211 -8.90 8.73 9.30
CA PRO A 211 -7.87 7.79 8.82
C PRO A 211 -7.65 6.60 9.75
N ALA A 212 -6.68 5.76 9.39
CA ALA A 212 -6.46 4.49 10.06
C ALA A 212 -5.76 4.58 11.42
N ASP A 213 -5.22 5.76 11.76
CA ASP A 213 -4.49 5.92 13.03
C ASP A 213 -5.42 5.95 14.24
N ILE A 214 -5.23 5.01 15.14
CA ILE A 214 -6.15 4.85 16.27
C ILE A 214 -5.47 4.10 17.42
N THR A 215 -5.88 4.39 18.66
CA THR A 215 -5.38 3.65 19.81
C THR A 215 -6.52 3.20 20.74
N LEU A 216 -6.38 1.97 21.27
CA LEU A 216 -7.38 1.38 22.18
C LEU A 216 -6.77 0.97 23.53
N THR A 217 -7.56 1.02 24.61
CA THR A 217 -7.06 0.67 25.97
C THR A 217 -8.08 -0.05 26.86
N TRP A 218 -7.54 -0.72 27.89
CA TRP A 218 -8.31 -1.32 28.97
C TRP A 218 -7.73 -0.87 30.30
N GLN A 219 -8.60 -0.42 31.21
CA GLN A 219 -8.17 0.09 32.53
C GLN A 219 -8.92 -0.54 33.73
N LEU A 220 -8.18 -0.80 34.81
CA LEU A 220 -8.69 -1.52 36.00
C LEU A 220 -8.77 -0.67 37.30
N GLU A 230 -2.70 -8.15 23.43
CA GLU A 230 -3.15 -8.90 22.24
C GLU A 230 -3.75 -8.00 21.14
N LEU A 231 -2.85 -7.32 20.44
CA LEU A 231 -3.20 -6.29 19.44
C LEU A 231 -3.53 -6.84 18.07
N VAL A 232 -4.74 -6.55 17.62
CA VAL A 232 -5.10 -6.77 16.23
C VAL A 232 -4.58 -5.55 15.46
N GLU A 233 -3.94 -5.79 14.33
N GLU A 233 -3.96 -5.78 14.33
CA GLU A 233 -3.45 -4.69 13.50
CA GLU A 233 -3.46 -4.69 13.50
C GLU A 233 -4.63 -4.03 12.78
C GLU A 233 -4.59 -4.05 12.70
N THR A 234 -4.52 -2.72 12.55
CA THR A 234 -5.56 -1.98 11.82
C THR A 234 -5.70 -2.55 10.41
N ARG A 235 -6.93 -2.54 9.89
CA ARG A 235 -7.23 -3.34 8.70
C ARG A 235 -8.33 -2.70 7.85
N PRO A 236 -8.14 -2.63 6.53
CA PRO A 236 -9.18 -2.07 5.67
C PRO A 236 -10.46 -2.89 5.71
N ALA A 237 -11.61 -2.25 5.70
CA ALA A 237 -12.85 -2.99 5.66
C ALA A 237 -13.43 -3.01 4.24
N GLY A 238 -12.63 -2.57 3.26
CA GLY A 238 -12.96 -2.63 1.85
C GLY A 238 -13.76 -1.46 1.32
N ASP A 239 -14.45 -0.76 2.20
CA ASP A 239 -15.33 0.31 1.80
C ASP A 239 -14.62 1.64 1.99
N GLY A 240 -13.37 1.61 2.45
CA GLY A 240 -12.61 2.85 2.73
C GLY A 240 -12.38 3.17 4.19
N THR A 241 -13.14 2.54 5.09
CA THR A 241 -12.94 2.71 6.53
C THR A 241 -12.13 1.57 7.13
N PHE A 242 -11.76 1.71 8.39
CA PHE A 242 -10.85 0.77 9.02
C PHE A 242 -11.44 0.23 10.30
N GLN A 243 -10.81 -0.81 10.83
CA GLN A 243 -11.26 -1.45 12.06
C GLN A 243 -10.10 -2.00 12.86
N LYS A 244 -10.30 -2.09 14.16
CA LYS A 244 -9.32 -2.68 15.08
C LYS A 244 -10.08 -3.29 16.27
N TRP A 245 -9.46 -4.24 16.96
CA TRP A 245 -9.92 -4.62 18.29
C TRP A 245 -8.83 -5.07 19.24
N ALA A 246 -9.20 -5.13 20.53
CA ALA A 246 -8.37 -5.69 21.61
C ALA A 246 -9.22 -6.13 22.83
N SER A 247 -8.74 -7.15 23.54
CA SER A 247 -9.46 -7.73 24.69
C SER A 247 -8.70 -7.64 26.01
N GLN A 256 -16.89 -5.61 35.55
CA GLN A 256 -17.17 -4.18 35.47
C GLN A 256 -15.96 -3.25 35.59
N ASN A 257 -14.92 -3.71 36.29
CA ASN A 257 -13.70 -2.91 36.52
C ASN A 257 -13.11 -2.43 35.23
N TYR A 258 -12.77 -3.40 34.38
CA TYR A 258 -12.15 -3.16 33.10
C TYR A 258 -13.07 -2.34 32.19
N THR A 259 -12.54 -1.21 31.70
CA THR A 259 -13.24 -0.35 30.73
C THR A 259 -12.36 0.03 29.54
N CYS A 260 -12.99 0.13 28.37
CA CYS A 260 -12.29 0.37 27.11
C CYS A 260 -12.34 1.83 26.65
N ARG A 261 -11.16 2.37 26.31
CA ARG A 261 -11.07 3.73 25.72
C ARG A 261 -10.63 3.74 24.25
N VAL A 262 -11.21 4.67 23.48
CA VAL A 262 -10.85 4.82 22.07
C VAL A 262 -10.29 6.22 21.83
N TYR A 263 -9.12 6.27 21.19
CA TYR A 263 -8.46 7.52 20.82
C TYR A 263 -8.37 7.65 19.31
N HIS A 264 -8.77 8.80 18.79
CA HIS A 264 -8.82 9.01 17.34
C HIS A 264 -8.78 10.48 16.90
N GLU A 265 -8.09 10.72 15.77
CA GLU A 265 -8.04 12.02 15.08
C GLU A 265 -9.37 12.75 15.01
N GLY A 266 -10.46 11.99 15.00
CA GLY A 266 -11.78 12.56 14.74
C GLY A 266 -12.73 12.62 15.91
N LEU A 267 -12.32 12.06 17.04
CA LEU A 267 -13.12 12.13 18.25
C LEU A 267 -12.98 13.50 18.91
N PRO A 268 -14.11 14.19 19.15
CA PRO A 268 -14.03 15.51 19.79
C PRO A 268 -13.82 15.39 21.32
N GLU A 269 -13.13 14.33 21.73
CA GLU A 269 -13.12 13.82 23.09
C GLU A 269 -13.12 12.29 22.98
N PRO A 270 -12.09 11.63 23.54
CA PRO A 270 -11.99 10.16 23.60
C PRO A 270 -13.27 9.47 24.09
N LEU A 271 -13.48 8.24 23.62
CA LEU A 271 -14.69 7.47 23.92
C LEU A 271 -14.43 6.48 25.05
N THR A 272 -15.43 6.29 25.90
CA THR A 272 -15.34 5.34 27.02
C THR A 272 -16.59 4.45 27.06
N LEU A 273 -16.38 3.15 27.28
CA LEU A 273 -17.49 2.18 27.30
C LEU A 273 -17.20 0.81 27.97
N ARG A 274 -18.27 0.07 28.25
CA ARG A 274 -18.21 -1.29 28.80
C ARG A 274 -19.42 -2.10 28.32
N TRP A 275 -20.61 -1.77 28.84
CA TRP A 275 -21.90 -2.44 28.53
C TRP A 275 -21.88 -3.96 28.71
N GLU A 276 -22.78 -4.63 28.00
CA GLU A 276 -22.91 -6.11 27.97
C GLU A 276 -23.25 -6.72 29.32
N MET B 1 16.90 -17.83 -0.29
CA MET B 1 16.32 -16.67 -1.04
C MET B 1 15.78 -15.64 -0.05
N ILE B 2 15.68 -14.39 -0.47
CA ILE B 2 15.08 -13.33 0.33
C ILE B 2 13.57 -13.55 0.38
N GLN B 3 13.07 -14.02 1.52
CA GLN B 3 11.67 -14.43 1.59
C GLN B 3 11.03 -14.09 2.92
N LYS B 4 9.77 -13.68 2.83
CA LYS B 4 9.03 -13.35 4.01
C LYS B 4 7.65 -13.99 3.99
N THR B 5 7.28 -14.55 5.14
CA THR B 5 5.99 -15.22 5.34
C THR B 5 4.82 -14.25 5.58
N PRO B 6 3.75 -14.39 4.77
CA PRO B 6 2.56 -13.55 4.87
C PRO B 6 1.81 -13.75 6.19
N GLN B 7 1.47 -12.66 6.89
CA GLN B 7 0.48 -12.68 7.97
C GLN B 7 -0.92 -12.66 7.33
N ILE B 8 -1.89 -13.38 7.91
CA ILE B 8 -3.28 -13.41 7.41
C ILE B 8 -4.38 -13.09 8.44
N GLN B 9 -5.33 -12.23 8.08
CA GLN B 9 -6.52 -11.98 8.88
C GLN B 9 -7.77 -12.18 8.04
N VAL B 10 -8.74 -12.94 8.57
CA VAL B 10 -10.02 -13.13 7.87
C VAL B 10 -11.13 -12.47 8.65
N TYR B 11 -12.02 -11.76 7.97
CA TYR B 11 -13.06 -11.00 8.68
C TYR B 11 -14.10 -10.38 7.75
N SER B 12 -15.22 -9.94 8.35
CA SER B 12 -16.34 -9.32 7.61
C SER B 12 -16.28 -7.80 7.60
N ARG B 13 -16.71 -7.24 6.48
CA ARG B 13 -16.86 -5.77 6.36
C ARG B 13 -17.78 -5.22 7.45
N HIS B 14 -18.90 -5.91 7.70
CA HIS B 14 -19.92 -5.53 8.68
C HIS B 14 -20.11 -6.64 9.72
N PRO B 15 -20.58 -6.30 10.94
CA PRO B 15 -20.69 -7.42 11.91
C PRO B 15 -21.84 -8.32 11.50
N PRO B 16 -21.66 -9.65 11.60
CA PRO B 16 -22.58 -10.52 10.85
C PRO B 16 -23.93 -10.70 11.51
N GLU B 17 -24.98 -10.64 10.71
CA GLU B 17 -26.33 -11.02 11.12
C GLU B 17 -26.94 -11.98 10.10
N ASN B 18 -27.59 -13.05 10.57
CA ASN B 18 -28.01 -14.13 9.67
C ASN B 18 -28.85 -13.78 8.44
N GLY B 19 -28.44 -14.34 7.29
CA GLY B 19 -29.05 -14.06 5.97
C GLY B 19 -29.15 -12.59 5.55
N LYS B 20 -28.07 -11.82 5.76
CA LYS B 20 -28.07 -10.37 5.55
C LYS B 20 -26.79 -10.00 4.82
N PRO B 21 -26.91 -9.75 3.49
CA PRO B 21 -25.77 -9.61 2.57
C PRO B 21 -24.59 -8.75 3.13
N ASN B 22 -23.38 -9.23 2.91
N ASN B 22 -23.37 -9.22 2.88
CA ASN B 22 -22.16 -8.63 3.47
CA ASN B 22 -22.15 -8.63 3.45
C ASN B 22 -20.92 -8.94 2.60
C ASN B 22 -20.93 -8.89 2.56
N ILE B 23 -19.79 -8.29 2.92
CA ILE B 23 -18.49 -8.63 2.28
C ILE B 23 -17.50 -9.34 3.23
N LEU B 24 -16.82 -10.35 2.69
CA LEU B 24 -15.75 -11.03 3.45
C LEU B 24 -14.35 -10.56 3.01
N ASN B 25 -13.50 -10.28 3.98
CA ASN B 25 -12.15 -9.81 3.69
C ASN B 25 -11.06 -10.81 4.08
N CYS B 26 -10.03 -10.89 3.25
CA CYS B 26 -8.83 -11.62 3.59
C CYS B 26 -7.66 -10.69 3.34
N TYR B 27 -7.10 -10.19 4.43
CA TYR B 27 -6.04 -9.21 4.36
C TYR B 27 -4.73 -9.97 4.54
N VAL B 28 -3.82 -9.78 3.59
CA VAL B 28 -2.56 -10.52 3.62
C VAL B 28 -1.39 -9.55 3.50
N THR B 29 -0.41 -9.72 4.37
CA THR B 29 0.60 -8.69 4.57
C THR B 29 1.99 -9.23 4.93
N GLN B 30 2.99 -8.34 4.96
CA GLN B 30 4.36 -8.67 5.39
C GLN B 30 5.09 -9.74 4.54
N PHE B 31 4.74 -9.92 3.26
CA PHE B 31 5.33 -11.02 2.47
C PHE B 31 6.25 -10.52 1.37
N HIS B 32 7.18 -11.39 0.99
CA HIS B 32 8.09 -11.14 -0.10
C HIS B 32 8.60 -12.49 -0.61
N PRO B 33 8.77 -12.63 -1.94
CA PRO B 33 8.55 -11.70 -3.08
C PRO B 33 7.07 -11.37 -3.31
N PRO B 34 6.73 -10.40 -4.18
CA PRO B 34 5.31 -10.09 -4.21
C PRO B 34 4.33 -11.09 -4.88
N HIS B 35 4.79 -12.13 -5.56
CA HIS B 35 3.84 -13.09 -6.19
C HIS B 35 3.09 -13.95 -5.14
N ILE B 36 1.77 -14.14 -5.31
CA ILE B 36 0.97 -14.80 -4.29
C ILE B 36 -0.38 -15.23 -4.81
N GLU B 37 -0.91 -16.35 -4.30
CA GLU B 37 -2.28 -16.77 -4.66
C GLU B 37 -3.18 -16.82 -3.43
N ILE B 38 -4.30 -16.11 -3.51
CA ILE B 38 -5.27 -16.03 -2.42
C ILE B 38 -6.62 -16.60 -2.90
N GLN B 39 -7.14 -17.59 -2.17
CA GLN B 39 -8.50 -18.13 -2.39
C GLN B 39 -9.44 -17.92 -1.23
N MET B 40 -10.71 -17.75 -1.54
CA MET B 40 -11.74 -17.68 -0.51
C MET B 40 -12.74 -18.82 -0.68
N LEU B 41 -13.05 -19.47 0.44
CA LEU B 41 -13.81 -20.70 0.38
C LEU B 41 -15.09 -20.68 1.20
N LYS B 42 -16.14 -21.25 0.62
CA LYS B 42 -17.39 -21.53 1.32
C LYS B 42 -17.50 -23.03 1.44
N ASN B 43 -17.38 -23.52 2.68
CA ASN B 43 -17.43 -24.95 2.93
C ASN B 43 -16.44 -25.70 2.03
N GLY B 44 -15.19 -25.27 2.04
CA GLY B 44 -14.12 -25.92 1.30
C GLY B 44 -14.29 -25.85 -0.20
N LYS B 45 -15.28 -25.07 -0.64
CA LYS B 45 -15.54 -24.88 -2.05
C LYS B 45 -15.16 -23.45 -2.43
N LYS B 46 -14.22 -23.36 -3.38
CA LYS B 46 -13.73 -22.09 -3.94
C LYS B 46 -14.85 -21.14 -4.34
N ILE B 47 -15.05 -20.09 -3.53
CA ILE B 47 -16.03 -19.04 -3.81
C ILE B 47 -15.75 -18.42 -5.20
N PRO B 48 -16.79 -18.32 -6.05
CA PRO B 48 -16.54 -17.69 -7.34
C PRO B 48 -16.54 -16.15 -7.20
N LYS B 49 -15.79 -15.48 -8.09
CA LYS B 49 -15.81 -14.01 -8.15
C LYS B 49 -15.23 -13.38 -6.87
N VAL B 50 -13.90 -13.34 -6.81
CA VAL B 50 -13.21 -12.66 -5.73
C VAL B 50 -12.44 -11.48 -6.35
N GLU B 51 -12.68 -10.29 -5.83
CA GLU B 51 -11.91 -9.13 -6.27
C GLU B 51 -10.61 -9.03 -5.51
N MET B 52 -9.52 -8.90 -6.25
CA MET B 52 -8.24 -8.51 -5.68
C MET B 52 -8.20 -7.00 -5.69
N SER B 53 -7.72 -6.41 -4.61
CA SER B 53 -7.66 -4.97 -4.59
C SER B 53 -6.23 -4.52 -4.78
N ASP B 54 -5.63 -4.29 -3.62
CA ASP B 54 -4.50 -3.38 -3.44
C ASP B 54 -3.21 -3.70 -4.27
N MET B 55 -2.33 -4.54 -3.74
N MET B 55 -2.30 -4.47 -3.66
CA MET B 55 -0.95 -4.72 -4.22
CA MET B 55 -0.96 -4.83 -4.17
C MET B 55 -0.17 -3.42 -4.34
C MET B 55 0.09 -3.70 -4.26
N SER B 56 0.23 -2.94 -3.18
CA SER B 56 1.34 -2.05 -3.03
C SER B 56 2.03 -2.62 -1.81
N PHE B 57 2.96 -1.86 -1.23
CA PHE B 57 3.75 -2.34 -0.12
C PHE B 57 3.83 -1.24 0.89
N SER B 58 4.27 -1.55 2.09
CA SER B 58 4.32 -0.53 3.12
C SER B 58 5.75 -0.03 3.26
N LYS B 59 5.95 0.99 4.09
CA LYS B 59 7.25 1.67 4.21
C LYS B 59 8.43 0.79 4.62
N ASP B 60 8.15 -0.39 5.19
CA ASP B 60 9.20 -1.37 5.46
C ASP B 60 9.50 -2.28 4.24
N TRP B 61 8.88 -1.96 3.11
CA TRP B 61 9.12 -2.59 1.79
C TRP B 61 8.36 -3.89 1.55
N SER B 62 7.80 -4.43 2.62
CA SER B 62 7.03 -5.67 2.56
C SER B 62 5.65 -5.47 1.91
N PHE B 63 5.15 -6.49 1.24
CA PHE B 63 3.92 -6.34 0.44
C PHE B 63 2.59 -6.56 1.19
N TYR B 64 1.54 -5.86 0.76
CA TYR B 64 0.19 -6.08 1.29
C TYR B 64 -0.86 -6.18 0.19
N ILE B 65 -1.91 -6.96 0.47
CA ILE B 65 -3.06 -7.04 -0.42
C ILE B 65 -4.35 -7.30 0.36
N LEU B 66 -5.48 -6.99 -0.27
CA LEU B 66 -6.80 -7.31 0.26
C LEU B 66 -7.64 -8.09 -0.76
N ALA B 67 -8.09 -9.28 -0.37
CA ALA B 67 -9.01 -10.05 -1.21
C ALA B 67 -10.41 -9.92 -0.62
N HIS B 68 -11.43 -9.93 -1.47
CA HIS B 68 -12.81 -9.74 -1.01
C HIS B 68 -13.85 -10.21 -2.05
N THR B 69 -15.00 -10.65 -1.54
CA THR B 69 -16.11 -11.17 -2.34
C THR B 69 -17.38 -10.98 -1.52
N GLU B 70 -18.52 -11.03 -2.21
CA GLU B 70 -19.84 -10.78 -1.59
C GLU B 70 -20.34 -12.05 -0.96
N PHE B 71 -21.02 -11.96 0.17
CA PHE B 71 -21.51 -13.15 0.85
C PHE B 71 -22.68 -12.87 1.82
N THR B 72 -23.57 -13.84 1.91
CA THR B 72 -24.66 -13.82 2.84
C THR B 72 -24.37 -14.80 3.99
N PRO B 73 -23.81 -14.29 5.10
CA PRO B 73 -23.46 -15.16 6.20
C PRO B 73 -24.62 -16.01 6.67
N THR B 74 -24.32 -17.27 6.96
CA THR B 74 -25.25 -18.18 7.63
C THR B 74 -24.46 -18.80 8.75
N GLU B 75 -25.14 -19.39 9.72
CA GLU B 75 -24.46 -20.21 10.73
C GLU B 75 -24.57 -21.72 10.44
N THR B 76 -24.93 -22.08 9.21
CA THR B 76 -24.90 -23.47 8.82
C THR B 76 -23.60 -23.80 8.09
N ASP B 77 -22.80 -22.78 7.78
CA ASP B 77 -21.66 -22.94 6.90
C ASP B 77 -20.34 -22.43 7.49
N THR B 78 -19.24 -22.98 6.98
CA THR B 78 -17.87 -22.51 7.25
C THR B 78 -17.35 -21.62 6.13
N TYR B 79 -16.54 -20.63 6.51
CA TYR B 79 -15.83 -19.72 5.59
C TYR B 79 -14.33 -19.64 5.90
N ALA B 80 -13.49 -19.73 4.87
CA ALA B 80 -12.05 -19.52 5.04
C ALA B 80 -11.29 -18.79 3.92
N CYS B 81 -10.03 -18.47 4.21
CA CYS B 81 -9.09 -17.91 3.25
C CYS B 81 -7.93 -18.87 3.14
N ARG B 82 -7.46 -19.08 1.93
CA ARG B 82 -6.37 -20.02 1.67
C ARG B 82 -5.31 -19.36 0.80
N VAL B 83 -4.07 -19.38 1.27
CA VAL B 83 -2.96 -18.65 0.64
C VAL B 83 -1.77 -19.53 0.20
N LYS B 84 -1.24 -19.26 -1.00
CA LYS B 84 -0.03 -19.95 -1.50
C LYS B 84 1.08 -18.98 -1.93
N HIS B 85 2.27 -19.19 -1.37
CA HIS B 85 3.35 -18.24 -1.49
C HIS B 85 4.70 -18.90 -1.25
N ASP B 86 5.62 -18.67 -2.17
CA ASP B 86 6.93 -19.34 -2.16
C ASP B 86 7.53 -19.58 -0.77
N SER B 87 7.25 -18.71 0.20
CA SER B 87 7.91 -18.84 1.52
C SER B 87 7.38 -20.00 2.36
N MET B 88 6.30 -20.61 1.89
CA MET B 88 5.66 -21.68 2.65
C MET B 88 5.57 -22.90 1.77
N ALA B 89 5.94 -24.05 2.33
CA ALA B 89 5.90 -25.32 1.60
C ALA B 89 4.47 -25.62 1.14
N GLU B 90 3.52 -25.55 2.09
CA GLU B 90 2.12 -25.90 1.86
C GLU B 90 1.20 -24.69 2.09
N PRO B 91 0.10 -24.60 1.30
CA PRO B 91 -0.85 -23.52 1.47
C PRO B 91 -1.30 -23.36 2.92
N LYS B 92 -1.60 -22.12 3.30
CA LYS B 92 -2.07 -21.79 4.63
C LYS B 92 -3.55 -21.47 4.54
N THR B 93 -4.30 -21.86 5.58
CA THR B 93 -5.75 -21.68 5.59
C THR B 93 -6.21 -21.15 6.92
N VAL B 94 -6.78 -19.95 6.90
CA VAL B 94 -7.27 -19.33 8.12
C VAL B 94 -8.78 -19.27 8.04
N TYR B 95 -9.43 -19.66 9.13
CA TYR B 95 -10.87 -19.79 9.16
C TYR B 95 -11.53 -18.58 9.76
N TRP B 96 -12.75 -18.30 9.30
CA TRP B 96 -13.48 -17.14 9.80
C TRP B 96 -14.09 -17.41 11.16
N ASP B 97 -13.78 -16.54 12.11
CA ASP B 97 -14.46 -16.51 13.40
C ASP B 97 -15.28 -15.22 13.51
N ARG B 98 -16.59 -15.36 13.47
CA ARG B 98 -17.51 -14.25 13.45
C ARG B 98 -17.38 -13.27 14.62
N ASP B 99 -16.77 -13.70 15.72
CA ASP B 99 -16.55 -12.83 16.87
C ASP B 99 -15.21 -12.09 16.73
N MET B 100 -14.58 -12.22 15.56
CA MET B 100 -13.22 -11.71 15.34
C MET B 100 -12.94 -11.11 13.95
N ALA C 1 0.45 13.48 -9.49
CA ALA C 1 1.27 13.49 -10.72
C ALA C 1 2.56 12.75 -10.40
N SER C 2 2.81 11.64 -11.10
CA SER C 2 3.97 10.82 -10.80
C SER C 2 5.27 11.51 -11.22
N ALA C 3 6.37 11.03 -10.66
CA ALA C 3 7.68 11.56 -11.01
C ALA C 3 8.34 10.73 -12.11
N GLU C 4 9.26 11.37 -12.83
CA GLU C 4 10.04 10.73 -13.89
C GLU C 4 11.49 10.58 -13.45
N ASN C 5 12.04 9.38 -13.69
CA ASN C 5 13.40 9.05 -13.30
C ASN C 5 14.29 9.39 -14.46
N MET C 6 15.57 9.68 -14.20
CA MET C 6 16.50 10.07 -15.28
C MET C 6 17.63 9.06 -15.43
N GLU C 7 18.67 9.25 -14.61
CA GLU C 7 19.85 8.38 -14.60
C GLU C 7 19.55 7.07 -13.89
N THR C 8 20.03 5.99 -14.48
CA THR C 8 19.82 4.64 -14.01
C THR C 8 20.82 4.28 -12.92
N MET C 9 20.56 3.19 -12.20
CA MET C 9 21.31 2.87 -10.98
C MET C 9 22.73 2.39 -11.25
#